data_1RWV
#
_entry.id   1RWV
#
_cell.length_a   63.048
_cell.length_b   63.048
_cell.length_c   161.056
_cell.angle_alpha   90.00
_cell.angle_beta   90.00
_cell.angle_gamma   90.00
#
_symmetry.space_group_name_H-M   'P 43 21 2'
#
loop_
_entity.id
_entity.type
_entity.pdbx_description
1 polymer 'Interleukin-1 beta convertase'
2 polymer 'Interleukin-1 beta convertase'
3 non-polymer '5-[5-(1-CARBOXYMETHYL-2-OXO-PROPYLCARBAMOYL)-5-PHENYL-PENTYLSULFAMOYL]-2-HYDROXY-BENZOIC ACID'
4 water water
#
loop_
_entity_poly.entity_id
_entity_poly.type
_entity_poly.pdbx_seq_one_letter_code
_entity_poly.pdbx_strand_id
1 'polypeptide(L)'
;NPAMPTSSGSEGNVKLCSLEEAQRIWKQKSAEIYPIMDKSSRTRLALIICNEEFDSIPRRTGAEVDITGMTMLLQNLGYS
VDVKKNLTASDMTTELEAFAHRPEHKTSDSTFLVFMSHGIREGICGKKHSEQVPDILQLNAIFNMLNTKNCPSLKDKPKV
IIIQACRGDSPGVVWFKD
;
A
2 'polypeptide(L)'
;AIKKAHIEKDFIAFCSSTPDNVSWRHPTMGSVFIGRLIEHMQEYACSCDVEEIFRKVRFSFEQPDGRAQMPTTERVTLTR
CFYLFPGH
;
B
#
loop_
_chem_comp.id
_chem_comp.type
_chem_comp.name
_chem_comp.formula
5PH non-polymer '5-[5-(1-CARBOXYMETHYL-2-OXO-PROPYLCARBAMOYL)-5-PHENYL-PENTYLSULFAMOYL]-2-HYDROXY-BENZOIC ACID' 'C24 H28 N2 O9 S'
#
# COMPACT_ATOMS: atom_id res chain seq x y z
N THR A 6 0.16 -25.57 -3.80
CA THR A 6 1.17 -25.27 -4.86
C THR A 6 1.24 -23.78 -5.20
N SER A 7 2.44 -23.33 -5.60
CA SER A 7 2.66 -21.95 -5.99
C SER A 7 2.44 -21.73 -7.50
N SER A 8 1.97 -22.77 -8.18
CA SER A 8 1.78 -22.75 -9.64
C SER A 8 0.47 -22.07 -10.07
N GLY A 9 -0.42 -21.82 -9.10
CA GLY A 9 -1.68 -21.15 -9.38
C GLY A 9 -1.56 -19.64 -9.44
N SER A 10 -2.67 -18.97 -9.70
CA SER A 10 -2.72 -17.51 -9.80
C SER A 10 -2.29 -16.79 -8.53
N GLU A 11 -2.53 -17.44 -7.38
CA GLU A 11 -2.24 -16.85 -6.08
C GLU A 11 -0.78 -17.05 -5.64
N GLY A 12 -0.01 -17.81 -6.43
CA GLY A 12 1.41 -18.01 -6.19
C GLY A 12 1.73 -18.45 -4.78
N ASN A 13 2.57 -17.66 -4.09
CA ASN A 13 3.02 -17.98 -2.75
C ASN A 13 2.09 -17.52 -1.61
N VAL A 14 0.97 -16.89 -1.97
CA VAL A 14 -0.02 -16.46 -0.97
C VAL A 14 -0.85 -17.64 -0.49
N LYS A 15 -0.78 -17.90 0.82
CA LYS A 15 -1.57 -18.97 1.44
C LYS A 15 -3.06 -18.72 1.23
N LEU A 16 -3.75 -19.76 0.78
CA LEU A 16 -5.17 -19.67 0.45
C LEU A 16 -6.05 -19.70 1.68
N CYS A 17 -7.19 -19.03 1.58
CA CYS A 17 -8.23 -19.10 2.60
C CYS A 17 -9.24 -20.15 2.16
N SER A 18 -9.37 -21.22 2.94
CA SER A 18 -10.32 -22.28 2.65
C SER A 18 -11.76 -21.83 2.92
N LEU A 19 -12.73 -22.57 2.38
CA LEU A 19 -14.14 -22.23 2.53
C LEU A 19 -14.62 -22.31 3.99
N GLU A 20 -14.03 -23.22 4.75
CA GLU A 20 -14.30 -23.35 6.18
C GLU A 20 -13.71 -22.19 6.96
N GLU A 21 -12.53 -21.73 6.53
CA GLU A 21 -11.85 -20.58 7.12
C GLU A 21 -12.65 -19.30 6.87
N ALA A 22 -13.19 -19.17 5.66
CA ALA A 22 -13.97 -17.99 5.25
C ALA A 22 -15.29 -17.90 6.02
N GLN A 23 -15.87 -19.06 6.33
CA GLN A 23 -17.12 -19.11 7.09
C GLN A 23 -16.90 -18.84 8.58
N ARG A 24 -15.72 -19.24 9.08
CA ARG A 24 -15.33 -18.97 10.46
C ARG A 24 -15.11 -17.47 10.70
N ILE A 25 -14.47 -16.81 9.73
CA ILE A 25 -14.27 -15.36 9.76
C ILE A 25 -15.61 -14.63 9.66
N TRP A 26 -16.52 -15.17 8.83
CA TRP A 26 -17.87 -14.62 8.66
C TRP A 26 -18.77 -14.93 9.87
N LYS A 27 -18.27 -15.72 10.81
CA LYS A 27 -19.00 -16.05 12.03
C LYS A 27 -18.42 -15.34 13.26
N GLN A 28 -17.09 -15.25 13.32
CA GLN A 28 -16.40 -14.55 14.41
C GLN A 28 -16.64 -13.04 14.35
N LYS A 29 -16.83 -12.54 13.14
CA LYS A 29 -17.27 -11.16 12.91
C LYS A 29 -18.58 -11.18 12.13
N SER A 30 -19.51 -10.32 12.51
CA SER A 30 -20.84 -10.28 11.91
C SER A 30 -20.84 -9.59 10.54
N ALA A 31 -21.61 -8.52 10.41
CA ALA A 31 -21.62 -7.70 9.19
C ALA A 31 -20.65 -6.54 9.34
N GLU A 32 -19.45 -6.85 9.84
CA GLU A 32 -18.38 -5.88 10.02
C GLU A 32 -17.18 -6.22 9.13
N ILE A 33 -17.47 -6.84 7.99
CA ILE A 33 -16.47 -7.19 6.98
C ILE A 33 -16.85 -6.52 5.66
N TYR A 34 -15.85 -6.03 4.92
CA TYR A 34 -16.09 -5.47 3.60
C TYR A 34 -16.54 -6.56 2.64
N PRO A 35 -17.63 -6.31 1.91
CA PRO A 35 -18.14 -7.28 0.93
C PRO A 35 -17.16 -7.51 -0.23
N ILE A 36 -17.03 -8.76 -0.63
CA ILE A 36 -16.18 -9.14 -1.76
C ILE A 36 -17.05 -9.47 -2.97
N MET A 37 -16.67 -8.94 -4.13
CA MET A 37 -17.42 -9.15 -5.36
C MET A 37 -17.09 -10.51 -5.96
N ASP A 38 -18.05 -11.03 -6.75
CA ASP A 38 -17.88 -12.31 -7.44
C ASP A 38 -16.58 -12.35 -8.23
N LYS A 39 -15.80 -13.40 -8.02
CA LYS A 39 -14.49 -13.57 -8.65
C LYS A 39 -14.56 -13.60 -10.18
N SER A 40 -15.66 -14.13 -10.71
CA SER A 40 -15.81 -14.30 -12.15
C SER A 40 -16.05 -12.99 -12.89
N SER A 41 -16.59 -11.98 -12.20
CA SER A 41 -17.00 -10.74 -12.84
C SER A 41 -16.24 -9.49 -12.38
N ARG A 42 -15.59 -9.56 -11.23
CA ARG A 42 -14.94 -8.38 -10.65
C ARG A 42 -13.68 -7.96 -11.42
N THR A 43 -13.42 -6.65 -11.45
CA THR A 43 -12.26 -6.11 -12.15
C THR A 43 -11.40 -5.28 -11.19
N ARG A 44 -10.66 -5.98 -10.33
CA ARG A 44 -9.80 -5.34 -9.35
C ARG A 44 -8.60 -4.65 -9.98
N LEU A 45 -8.32 -3.44 -9.54
CA LEU A 45 -7.21 -2.65 -10.06
C LEU A 45 -6.24 -2.22 -8.96
N ALA A 46 -4.95 -2.22 -9.29
CA ALA A 46 -3.93 -1.70 -8.40
C ALA A 46 -2.93 -0.86 -9.18
N LEU A 47 -2.33 0.12 -8.51
CA LEU A 47 -1.33 0.98 -9.14
C LEU A 47 -0.05 1.04 -8.32
N ILE A 48 1.06 0.76 -8.97
CA ILE A 48 2.38 0.95 -8.37
C ILE A 48 3.10 2.08 -9.09
N ILE A 49 3.47 3.10 -8.32
CA ILE A 49 4.36 4.15 -8.81
C ILE A 49 5.70 3.99 -8.10
N CYS A 50 6.74 3.73 -8.88
CA CYS A 50 8.08 3.56 -8.32
C CYS A 50 9.11 4.43 -9.04
N ASN A 51 9.75 5.30 -8.27
CA ASN A 51 10.80 6.14 -8.79
C ASN A 51 12.17 5.57 -8.42
N GLU A 52 12.96 5.24 -9.45
CA GLU A 52 14.27 4.62 -9.27
C GLU A 52 15.40 5.54 -9.73
N GLU A 53 15.24 6.11 -10.92
CA GLU A 53 16.24 7.01 -11.49
C GLU A 53 15.81 8.46 -11.29
N PHE A 54 16.69 9.22 -10.65
CA PHE A 54 16.41 10.61 -10.29
C PHE A 54 17.43 11.56 -10.94
N ASP A 55 17.02 12.82 -11.11
CA ASP A 55 17.90 13.84 -11.68
C ASP A 55 19.09 14.18 -10.76
N SER A 56 18.81 14.32 -9.46
CA SER A 56 19.80 14.81 -8.50
C SER A 56 20.12 13.85 -7.37
N ILE A 57 19.10 13.19 -6.83
CA ILE A 57 19.27 12.28 -5.70
C ILE A 57 19.71 10.88 -6.16
N PRO A 58 20.42 10.14 -5.29
CA PRO A 58 20.99 8.84 -5.64
C PRO A 58 19.99 7.83 -6.23
N ARG A 59 20.52 6.93 -7.07
CA ARG A 59 19.72 5.89 -7.70
C ARG A 59 19.22 4.88 -6.68
N ARG A 60 17.93 4.55 -6.77
CA ARG A 60 17.29 3.63 -5.82
C ARG A 60 17.53 2.18 -6.22
N THR A 61 18.79 1.76 -6.17
CA THR A 61 19.20 0.41 -6.53
C THR A 61 18.49 -0.62 -5.66
N GLY A 62 17.88 -1.61 -6.31
CA GLY A 62 17.11 -2.63 -5.62
C GLY A 62 15.61 -2.43 -5.73
N ALA A 63 15.20 -1.30 -6.32
CA ALA A 63 13.79 -0.99 -6.53
C ALA A 63 13.09 -2.04 -7.38
N GLU A 64 13.83 -2.64 -8.31
CA GLU A 64 13.32 -3.70 -9.18
C GLU A 64 12.80 -4.90 -8.38
N VAL A 65 13.51 -5.24 -7.30
CA VAL A 65 13.08 -6.31 -6.39
C VAL A 65 11.73 -5.98 -5.77
N ASP A 66 11.57 -4.72 -5.35
CA ASP A 66 10.32 -4.23 -4.78
C ASP A 66 9.18 -4.21 -5.81
N ILE A 67 9.46 -3.75 -7.02
CA ILE A 67 8.48 -3.74 -8.11
C ILE A 67 8.00 -5.17 -8.40
N THR A 68 8.95 -6.09 -8.58
CA THR A 68 8.65 -7.50 -8.84
C THR A 68 7.79 -8.09 -7.72
N GLY A 69 8.27 -7.96 -6.48
CA GLY A 69 7.57 -8.51 -5.33
C GLY A 69 6.16 -8.00 -5.17
N MET A 70 5.99 -6.68 -5.24
CA MET A 70 4.69 -6.06 -5.06
C MET A 70 3.73 -6.35 -6.20
N THR A 71 4.22 -6.29 -7.44
CA THR A 71 3.41 -6.59 -8.62
C THR A 71 2.84 -8.00 -8.55
N MET A 72 3.71 -8.97 -8.27
CA MET A 72 3.32 -10.37 -8.18
C MET A 72 2.34 -10.61 -7.03
N LEU A 73 2.60 -9.98 -5.88
CA LEU A 73 1.72 -10.12 -4.71
C LEU A 73 0.31 -9.60 -5.00
N LEU A 74 0.22 -8.40 -5.57
CA LEU A 74 -1.08 -7.79 -5.86
C LEU A 74 -1.86 -8.59 -6.90
N GLN A 75 -1.15 -9.19 -7.85
CA GLN A 75 -1.74 -10.10 -8.82
C GLN A 75 -2.24 -11.37 -8.15
N ASN A 76 -1.42 -11.90 -7.23
CA ASN A 76 -1.80 -13.07 -6.43
C ASN A 76 -3.10 -12.84 -5.67
N LEU A 77 -3.28 -11.60 -5.21
CA LEU A 77 -4.46 -11.20 -4.45
C LEU A 77 -5.66 -10.86 -5.35
N GLY A 78 -5.43 -10.87 -6.67
CA GLY A 78 -6.51 -10.73 -7.64
C GLY A 78 -6.63 -9.37 -8.31
N TYR A 79 -5.58 -8.56 -8.21
CA TYR A 79 -5.59 -7.19 -8.76
C TYR A 79 -4.81 -7.10 -10.07
N SER A 80 -5.37 -6.38 -11.04
CA SER A 80 -4.65 -6.03 -12.26
C SER A 80 -3.76 -4.82 -11.96
N VAL A 81 -2.46 -4.99 -12.17
CA VAL A 81 -1.47 -4.04 -11.69
C VAL A 81 -0.89 -3.16 -12.80
N ASP A 82 -1.07 -1.85 -12.66
CA ASP A 82 -0.43 -0.86 -13.50
C ASP A 82 0.86 -0.40 -12.82
N VAL A 83 1.97 -0.48 -13.53
CA VAL A 83 3.26 -0.07 -13.00
C VAL A 83 3.79 1.15 -13.75
N LYS A 84 3.98 2.24 -13.03
CA LYS A 84 4.50 3.48 -13.60
C LYS A 84 5.80 3.87 -12.92
N LYS A 85 6.80 4.26 -13.71
CA LYS A 85 8.15 4.47 -13.21
C LYS A 85 8.71 5.86 -13.53
N ASN A 86 9.52 6.36 -12.60
CA ASN A 86 10.27 7.61 -12.75
C ASN A 86 9.41 8.80 -13.19
N LEU A 87 8.53 9.21 -12.29
CA LEU A 87 7.59 10.30 -12.55
C LEU A 87 7.90 11.49 -11.65
N THR A 88 7.60 12.68 -12.16
CA THR A 88 7.62 13.90 -11.34
C THR A 88 6.34 13.90 -10.50
N ALA A 89 6.28 14.80 -9.51
CA ALA A 89 5.08 14.93 -8.68
C ALA A 89 3.84 15.26 -9.52
N SER A 90 4.05 16.09 -10.54
CA SER A 90 2.99 16.44 -11.50
C SER A 90 2.52 15.22 -12.30
N ASP A 91 3.47 14.39 -12.71
CA ASP A 91 3.17 13.16 -13.45
C ASP A 91 2.40 12.18 -12.56
N MET A 92 2.80 12.11 -11.29
CA MET A 92 2.14 11.23 -10.31
C MET A 92 0.68 11.63 -10.11
N THR A 93 0.45 12.95 -10.01
CA THR A 93 -0.89 13.51 -9.89
C THR A 93 -1.75 13.17 -11.11
N THR A 94 -1.17 13.30 -12.30
CA THR A 94 -1.85 12.97 -13.56
C THR A 94 -2.23 11.49 -13.61
N GLU A 95 -1.30 10.64 -13.17
CA GLU A 95 -1.50 9.19 -13.16
C GLU A 95 -2.58 8.77 -12.15
N LEU A 96 -2.57 9.42 -10.99
CA LEU A 96 -3.53 9.17 -9.93
C LEU A 96 -4.94 9.57 -10.37
N GLU A 97 -5.03 10.72 -11.04
CA GLU A 97 -6.29 11.21 -11.60
C GLU A 97 -6.82 10.26 -12.66
N ALA A 98 -5.94 9.75 -13.51
CA ALA A 98 -6.30 8.77 -14.53
C ALA A 98 -6.75 7.45 -13.89
N PHE A 99 -6.07 7.05 -12.82
CA PHE A 99 -6.43 5.83 -12.09
C PHE A 99 -7.82 5.94 -11.45
N ALA A 100 -8.11 7.11 -10.88
CA ALA A 100 -9.41 7.39 -10.28
C ALA A 100 -10.56 7.35 -11.31
N HIS A 101 -10.22 7.57 -12.58
CA HIS A 101 -11.21 7.61 -13.65
C HIS A 101 -11.45 6.26 -14.34
N ARG A 102 -10.68 5.25 -13.95
CA ARG A 102 -10.79 3.92 -14.56
C ARG A 102 -12.16 3.29 -14.30
N PRO A 103 -12.85 2.86 -15.36
CA PRO A 103 -14.20 2.29 -15.25
C PRO A 103 -14.27 0.97 -14.49
N GLU A 104 -13.14 0.26 -14.41
CA GLU A 104 -13.07 -1.04 -13.73
C GLU A 104 -13.37 -0.95 -12.21
N HIS A 105 -13.10 0.22 -11.62
CA HIS A 105 -13.38 0.46 -10.20
C HIS A 105 -14.85 0.27 -9.85
N LYS A 106 -15.73 0.56 -10.82
CA LYS A 106 -17.17 0.37 -10.67
C LYS A 106 -17.52 -1.09 -10.39
N THR A 107 -16.83 -2.00 -11.06
CA THR A 107 -17.01 -3.44 -10.86
C THR A 107 -15.86 -4.04 -10.05
N SER A 108 -15.31 -3.23 -9.14
CA SER A 108 -14.28 -3.69 -8.22
C SER A 108 -14.76 -3.48 -6.78
N ASP A 109 -14.14 -4.16 -5.83
CA ASP A 109 -14.56 -4.09 -4.43
C ASP A 109 -13.53 -3.39 -3.54
N SER A 110 -12.40 -3.02 -4.14
CA SER A 110 -11.24 -2.49 -3.41
C SER A 110 -10.13 -2.05 -4.37
N THR A 111 -9.12 -1.36 -3.82
CA THR A 111 -7.93 -1.02 -4.58
C THR A 111 -6.69 -0.93 -3.69
N PHE A 112 -5.52 -1.10 -4.32
CA PHE A 112 -4.24 -0.89 -3.66
C PHE A 112 -3.45 0.16 -4.44
N LEU A 113 -2.82 1.09 -3.71
CA LEU A 113 -1.93 2.08 -4.28
C LEU A 113 -0.56 1.93 -3.62
N VAL A 114 0.48 1.75 -4.42
CA VAL A 114 1.84 1.58 -3.90
C VAL A 114 2.79 2.65 -4.44
N PHE A 115 3.38 3.41 -3.52
CA PHE A 115 4.34 4.45 -3.87
C PHE A 115 5.71 4.09 -3.31
N MET A 116 6.71 4.13 -4.18
CA MET A 116 8.08 3.81 -3.79
C MET A 116 9.04 4.83 -4.38
N SER A 117 9.71 5.58 -3.50
CA SER A 117 10.59 6.66 -3.93
C SER A 117 11.43 7.14 -2.76
N HIS A 118 12.24 8.16 -3.02
CA HIS A 118 12.85 8.94 -1.95
C HIS A 118 11.75 9.76 -1.31
N GLY A 119 11.94 10.13 -0.05
CA GLY A 119 10.96 10.93 0.64
C GLY A 119 11.56 11.85 1.67
N ILE A 120 10.85 12.94 1.95
CA ILE A 120 11.18 13.87 3.02
C ILE A 120 9.96 13.97 3.94
N ARG A 121 10.08 14.77 4.99
CA ARG A 121 8.99 14.96 5.95
C ARG A 121 7.68 15.39 5.30
N GLU A 122 7.78 16.27 4.30
CA GLU A 122 6.62 16.83 3.61
C GLU A 122 5.92 15.83 2.68
N GLY A 123 6.67 14.86 2.15
CA GLY A 123 6.08 13.86 1.28
C GLY A 123 7.05 13.09 0.39
N ILE A 124 6.53 12.59 -0.72
CA ILE A 124 7.23 11.70 -1.63
C ILE A 124 7.92 12.47 -2.76
N CYS A 125 9.17 12.11 -3.06
CA CYS A 125 9.97 12.80 -4.07
C CYS A 125 9.66 12.35 -5.49
N GLY A 126 9.44 13.32 -6.37
CA GLY A 126 9.38 13.08 -7.81
C GLY A 126 10.79 12.95 -8.36
N LYS A 127 10.91 12.50 -9.61
CA LYS A 127 12.21 12.26 -10.23
C LYS A 127 13.10 13.51 -10.36
N LYS A 128 12.47 14.69 -10.39
CA LYS A 128 13.17 15.95 -10.59
C LYS A 128 13.55 16.66 -9.27
N HIS A 129 13.37 15.98 -8.15
CA HIS A 129 13.52 16.60 -6.83
C HIS A 129 14.96 17.02 -6.48
N SER A 130 15.06 18.23 -5.94
CA SER A 130 16.29 18.72 -5.31
C SER A 130 15.90 19.72 -4.21
N GLU A 131 16.85 20.04 -3.32
CA GLU A 131 16.60 21.00 -2.25
C GLU A 131 16.28 22.40 -2.78
N GLN A 132 16.92 22.76 -3.89
CA GLN A 132 16.72 24.06 -4.52
C GLN A 132 15.31 24.19 -5.12
N VAL A 133 14.92 23.19 -5.91
CA VAL A 133 13.58 23.13 -6.50
C VAL A 133 12.89 21.82 -6.09
N PRO A 134 12.07 21.87 -5.03
CA PRO A 134 11.39 20.68 -4.53
C PRO A 134 10.37 20.11 -5.50
N ASP A 135 10.34 18.78 -5.61
CA ASP A 135 9.38 18.05 -6.43
C ASP A 135 8.69 17.00 -5.56
N ILE A 136 7.65 17.43 -4.85
CA ILE A 136 7.05 16.62 -3.79
C ILE A 136 5.57 16.34 -4.02
N LEU A 137 5.18 15.09 -3.80
CA LEU A 137 3.77 14.71 -3.74
C LEU A 137 3.40 14.44 -2.28
N GLN A 138 2.45 15.21 -1.77
CA GLN A 138 1.98 15.06 -0.40
C GLN A 138 1.02 13.88 -0.28
N LEU A 139 1.09 13.19 0.85
CA LEU A 139 0.17 12.09 1.14
C LEU A 139 -1.28 12.57 1.13
N ASN A 140 -1.49 13.80 1.63
CA ASN A 140 -2.80 14.45 1.61
C ASN A 140 -3.41 14.48 0.20
N ALA A 141 -2.59 14.74 -0.81
CA ALA A 141 -3.04 14.80 -2.21
C ALA A 141 -3.51 13.43 -2.72
N ILE A 142 -2.82 12.37 -2.32
CA ILE A 142 -3.20 11.01 -2.70
C ILE A 142 -4.60 10.67 -2.18
N PHE A 143 -4.85 10.97 -0.91
CA PHE A 143 -6.16 10.76 -0.29
C PHE A 143 -7.25 11.55 -1.00
N ASN A 144 -6.98 12.84 -1.22
CA ASN A 144 -7.92 13.73 -1.91
C ASN A 144 -8.33 13.21 -3.29
N MET A 145 -7.35 12.71 -4.04
CA MET A 145 -7.59 12.22 -5.40
C MET A 145 -8.37 10.90 -5.44
N LEU A 146 -8.35 10.16 -4.34
CA LEU A 146 -8.99 8.85 -4.26
C LEU A 146 -10.25 8.84 -3.39
N ASN A 147 -10.62 9.98 -2.83
CA ASN A 147 -11.79 10.07 -1.96
C ASN A 147 -13.12 10.02 -2.73
N THR A 148 -14.24 10.12 -2.02
CA THR A 148 -15.57 9.96 -2.64
C THR A 148 -15.90 11.07 -3.65
N LYS A 149 -15.37 12.26 -3.42
CA LYS A 149 -15.58 13.40 -4.32
C LYS A 149 -14.87 13.20 -5.66
N ASN A 150 -13.60 12.82 -5.60
CA ASN A 150 -12.76 12.72 -6.79
C ASN A 150 -12.67 11.31 -7.37
N CYS A 151 -13.18 10.33 -6.62
CA CYS A 151 -13.25 8.94 -7.08
C CYS A 151 -14.52 8.26 -6.56
N PRO A 152 -15.69 8.69 -7.04
CA PRO A 152 -16.97 8.13 -6.57
C PRO A 152 -17.12 6.63 -6.82
N SER A 153 -16.38 6.08 -7.79
CA SER A 153 -16.44 4.65 -8.11
C SER A 153 -15.93 3.76 -6.97
N LEU A 154 -15.08 4.32 -6.11
CA LEU A 154 -14.53 3.58 -4.98
C LEU A 154 -15.19 3.91 -3.64
N LYS A 155 -16.36 4.53 -3.72
CA LYS A 155 -17.20 4.79 -2.54
C LYS A 155 -17.49 3.47 -1.81
N ASP A 156 -17.33 3.49 -0.48
CA ASP A 156 -17.57 2.34 0.40
C ASP A 156 -16.59 1.18 0.23
N LYS A 157 -15.56 1.39 -0.59
CA LYS A 157 -14.59 0.33 -0.90
C LYS A 157 -13.22 0.64 -0.31
N PRO A 158 -12.61 -0.36 0.34
CA PRO A 158 -11.29 -0.17 0.96
C PRO A 158 -10.23 0.27 -0.04
N LYS A 159 -9.52 1.32 0.31
CA LYS A 159 -8.43 1.86 -0.52
C LYS A 159 -7.16 1.82 0.32
N VAL A 160 -6.27 0.89 -0.04
CA VAL A 160 -5.05 0.65 0.71
C VAL A 160 -3.88 1.37 0.06
N ILE A 161 -3.25 2.27 0.80
CA ILE A 161 -2.11 3.03 0.31
C ILE A 161 -0.83 2.58 1.02
N ILE A 162 0.15 2.15 0.24
CA ILE A 162 1.43 1.69 0.78
C ILE A 162 2.54 2.62 0.30
N ILE A 163 3.31 3.16 1.24
CA ILE A 163 4.41 4.06 0.90
C ILE A 163 5.75 3.60 1.47
N GLN A 164 6.66 3.24 0.56
CA GLN A 164 8.05 3.01 0.90
C GLN A 164 8.83 4.29 0.59
N ALA A 165 9.28 4.98 1.64
CA ALA A 165 10.02 6.23 1.54
C ALA A 165 10.48 6.70 2.91
N CYS A 166 11.59 7.43 2.94
CA CYS A 166 12.00 8.15 4.15
C CYS A 166 11.00 9.24 4.45
N ARG A 167 10.89 9.62 5.72
CA ARG A 167 10.01 10.69 6.14
C ARG A 167 10.81 11.77 6.86
N GLY A 168 12.12 11.81 6.59
CA GLY A 168 13.03 12.74 7.22
C GLY A 168 14.44 12.16 7.26
N ASP A 169 15.33 12.84 7.98
CA ASP A 169 16.74 12.48 8.01
C ASP A 169 17.13 11.63 9.23
N SER A 170 16.27 11.62 10.25
CA SER A 170 16.61 11.03 11.55
C SER A 170 16.63 9.50 11.55
N PRO A 171 17.52 8.90 12.34
CA PRO A 171 17.67 7.44 12.41
C PRO A 171 16.51 6.73 13.10
N GLY A 172 15.68 7.48 13.83
CA GLY A 172 14.49 6.93 14.45
C GLY A 172 14.74 6.15 15.73
N VAL A 173 15.88 6.39 16.36
CA VAL A 173 16.27 5.66 17.55
C VAL A 173 16.74 6.55 18.69
N VAL A 174 16.61 6.04 19.91
CA VAL A 174 17.13 6.69 21.11
C VAL A 174 17.81 5.59 21.96
N TRP A 175 18.75 5.99 22.81
CA TRP A 175 19.45 5.06 23.69
C TRP A 175 18.78 4.95 25.05
N PHE A 176 18.83 3.76 25.63
CA PHE A 176 18.45 3.53 27.02
C PHE A 176 19.38 2.51 27.65
N LYS A 177 19.57 2.58 28.96
CA LYS A 177 20.39 1.60 29.66
C LYS A 177 19.54 0.50 30.29
N ASP A 178 20.03 -0.74 30.21
CA ASP A 178 19.34 -1.89 30.79
C ASP A 178 19.81 -2.17 32.21
N ALA B 1 -33.49 10.53 -6.36
CA ALA B 1 -33.12 11.41 -5.20
C ALA B 1 -31.62 11.33 -4.91
N ILE B 2 -31.12 12.36 -4.24
CA ILE B 2 -29.71 12.39 -3.84
C ILE B 2 -29.54 12.03 -2.37
N LYS B 3 -28.39 11.45 -2.05
CA LYS B 3 -28.08 11.04 -0.68
C LYS B 3 -26.66 11.46 -0.31
N LYS B 4 -26.45 11.74 0.98
CA LYS B 4 -25.14 12.16 1.48
C LYS B 4 -24.22 10.97 1.70
N ALA B 5 -22.95 11.16 1.36
CA ALA B 5 -21.91 10.17 1.65
C ALA B 5 -20.71 10.89 2.25
N HIS B 6 -20.01 10.21 3.16
CA HIS B 6 -18.76 10.73 3.71
C HIS B 6 -17.77 10.96 2.59
N ILE B 7 -17.14 12.13 2.58
CA ILE B 7 -16.16 12.48 1.56
C ILE B 7 -14.90 11.61 1.65
N GLU B 8 -14.52 11.25 2.87
CA GLU B 8 -13.36 10.42 3.12
C GLU B 8 -13.70 9.25 4.04
N LYS B 9 -13.66 8.05 3.48
CA LYS B 9 -13.99 6.83 4.21
C LYS B 9 -13.31 5.64 3.55
N ASP B 10 -13.09 4.58 4.33
CA ASP B 10 -12.57 3.30 3.84
C ASP B 10 -11.13 3.39 3.32
N PHE B 11 -10.34 4.26 3.95
CA PHE B 11 -8.93 4.39 3.62
C PHE B 11 -8.08 3.71 4.69
N ILE B 12 -6.95 3.17 4.26
CA ILE B 12 -5.84 2.85 5.17
C ILE B 12 -4.51 3.08 4.46
N ALA B 13 -3.64 3.86 5.09
CA ALA B 13 -2.29 4.06 4.59
C ALA B 13 -1.29 3.36 5.50
N PHE B 14 -0.26 2.79 4.90
CA PHE B 14 0.81 2.10 5.63
C PHE B 14 2.15 2.64 5.13
N CYS B 15 2.84 3.35 6.02
CA CYS B 15 4.13 3.97 5.69
C CYS B 15 5.30 3.17 6.27
N SER B 16 6.44 3.28 5.59
CA SER B 16 7.62 2.46 5.90
C SER B 16 8.34 2.84 7.21
N SER B 17 8.12 4.06 7.69
CA SER B 17 8.69 4.52 8.96
C SER B 17 7.79 5.52 9.66
N THR B 18 8.21 5.98 10.84
CA THR B 18 7.53 7.05 11.56
C THR B 18 7.95 8.42 10.99
N PRO B 19 7.12 9.45 11.17
CA PRO B 19 7.46 10.81 10.73
C PRO B 19 8.82 11.28 11.26
N ASP B 20 9.58 11.98 10.43
CA ASP B 20 10.94 12.46 10.73
C ASP B 20 12.04 11.44 10.43
N ASN B 21 11.66 10.18 10.21
CA ASN B 21 12.61 9.07 10.22
C ASN B 21 12.83 8.35 8.90
N VAL B 22 14.02 7.77 8.76
CA VAL B 22 14.45 7.10 7.54
C VAL B 22 13.82 5.72 7.36
N SER B 23 13.78 5.27 6.11
CA SER B 23 13.39 3.91 5.78
C SER B 23 14.50 3.27 4.95
N TRP B 24 14.75 1.99 5.18
CA TRP B 24 15.92 1.32 4.60
C TRP B 24 15.65 0.55 3.31
N ARG B 25 16.70 0.40 2.51
CA ARG B 25 16.65 -0.32 1.24
C ARG B 25 18.01 -0.97 0.98
N HIS B 26 17.99 -2.22 0.51
CA HIS B 26 19.20 -2.95 0.16
C HIS B 26 19.35 -3.05 -1.37
N PRO B 27 20.55 -2.80 -1.89
CA PRO B 27 20.80 -2.79 -3.34
C PRO B 27 20.43 -4.08 -4.08
N THR B 28 20.48 -5.23 -3.42
CA THR B 28 20.12 -6.50 -4.06
C THR B 28 18.91 -7.16 -3.43
N MET B 29 18.65 -6.87 -2.16
CA MET B 29 17.55 -7.49 -1.43
C MET B 29 16.26 -6.68 -1.46
N GLY B 30 16.35 -5.42 -1.88
CA GLY B 30 15.19 -4.55 -1.95
C GLY B 30 14.92 -3.83 -0.63
N SER B 31 13.75 -3.21 -0.54
CA SER B 31 13.34 -2.49 0.66
C SER B 31 12.74 -3.44 1.69
N VAL B 32 13.29 -3.41 2.90
CA VAL B 32 12.88 -4.33 3.98
C VAL B 32 11.39 -4.24 4.31
N PHE B 33 10.84 -3.02 4.32
CA PHE B 33 9.42 -2.80 4.59
C PHE B 33 8.57 -3.51 3.54
N ILE B 34 8.96 -3.40 2.28
CA ILE B 34 8.24 -4.02 1.17
C ILE B 34 8.34 -5.55 1.26
N GLY B 35 9.56 -6.06 1.44
CA GLY B 35 9.79 -7.49 1.57
C GLY B 35 9.05 -8.09 2.75
N ARG B 36 9.08 -7.39 3.88
CA ARG B 36 8.37 -7.79 5.10
C ARG B 36 6.86 -7.81 4.89
N LEU B 37 6.35 -6.80 4.18
CA LEU B 37 4.92 -6.70 3.88
C LEU B 37 4.43 -7.87 3.01
N ILE B 38 5.18 -8.19 1.97
CA ILE B 38 4.84 -9.31 1.09
C ILE B 38 4.77 -10.63 1.85
N GLU B 39 5.82 -10.92 2.62
CA GLU B 39 5.91 -12.13 3.43
C GLU B 39 4.71 -12.28 4.37
N HIS B 40 4.37 -11.20 5.06
CA HIS B 40 3.25 -11.19 5.99
C HIS B 40 1.90 -11.32 5.27
N MET B 41 1.78 -10.67 4.12
CA MET B 41 0.58 -10.79 3.30
C MET B 41 0.41 -12.24 2.83
N GLN B 42 1.49 -12.83 2.33
CA GLN B 42 1.48 -14.22 1.88
C GLN B 42 1.04 -15.18 2.99
N GLU B 43 1.55 -14.93 4.19
CA GLU B 43 1.28 -15.79 5.34
C GLU B 43 -0.10 -15.55 5.97
N TYR B 44 -0.50 -14.28 6.07
CA TYR B 44 -1.65 -13.90 6.92
C TYR B 44 -2.91 -13.39 6.20
N ALA B 45 -2.83 -13.18 4.89
CA ALA B 45 -3.99 -12.71 4.13
C ALA B 45 -5.18 -13.66 4.26
N CYS B 46 -4.88 -14.95 4.41
CA CYS B 46 -5.90 -15.99 4.55
C CYS B 46 -6.67 -15.92 5.87
N SER B 47 -6.03 -15.38 6.91
CA SER B 47 -6.58 -15.46 8.27
C SER B 47 -6.79 -14.12 8.97
N CYS B 48 -6.10 -13.07 8.51
CA CYS B 48 -6.16 -11.78 9.18
C CYS B 48 -6.62 -10.66 8.23
N ASP B 49 -7.33 -9.68 8.78
CA ASP B 49 -7.69 -8.49 8.02
C ASP B 49 -6.45 -7.61 7.84
N VAL B 50 -6.46 -6.73 6.85
CA VAL B 50 -5.25 -5.98 6.48
C VAL B 50 -4.65 -5.15 7.63
N GLU B 51 -5.52 -4.61 8.48
CA GLU B 51 -5.10 -3.84 9.65
C GLU B 51 -4.28 -4.71 10.61
N GLU B 52 -4.77 -5.92 10.87
CA GLU B 52 -4.06 -6.92 11.67
C GLU B 52 -2.70 -7.27 11.06
N ILE B 53 -2.69 -7.48 9.75
CA ILE B 53 -1.46 -7.78 9.01
C ILE B 53 -0.44 -6.66 9.17
N PHE B 54 -0.88 -5.41 9.01
CA PHE B 54 0.00 -4.25 9.14
C PHE B 54 0.62 -4.16 10.55
N ARG B 55 -0.18 -4.46 11.57
CA ARG B 55 0.31 -4.52 12.95
C ARG B 55 1.39 -5.58 13.10
N LYS B 56 1.17 -6.75 12.50
CA LYS B 56 2.16 -7.84 12.53
C LYS B 56 3.47 -7.43 11.86
N VAL B 57 3.37 -6.71 10.74
CA VAL B 57 4.55 -6.16 10.07
C VAL B 57 5.32 -5.22 11.01
N ARG B 58 4.58 -4.34 11.68
CA ARG B 58 5.14 -3.44 12.70
C ARG B 58 5.89 -4.22 13.79
N PHE B 59 5.23 -5.26 14.30
CA PHE B 59 5.79 -6.12 15.34
C PHE B 59 7.13 -6.72 14.94
N SER B 60 7.27 -7.09 13.67
CA SER B 60 8.50 -7.68 13.16
C SER B 60 9.69 -6.70 13.18
N PHE B 61 9.39 -5.40 13.25
CA PHE B 61 10.41 -4.37 13.32
C PHE B 61 10.72 -3.93 14.76
N GLU B 62 9.99 -4.51 15.73
CA GLU B 62 10.05 -4.08 17.13
C GLU B 62 11.46 -4.01 17.73
N GLN B 63 12.27 -5.04 17.48
CA GLN B 63 13.64 -5.07 17.97
C GLN B 63 14.56 -4.31 17.02
N PRO B 64 15.09 -3.17 17.47
CA PRO B 64 15.88 -2.29 16.59
C PRO B 64 17.33 -2.76 16.47
N ASP B 65 17.81 -2.86 15.23
CA ASP B 65 19.22 -3.13 14.96
C ASP B 65 19.91 -1.86 14.44
N GLY B 66 20.93 -2.02 13.62
CA GLY B 66 21.65 -0.89 13.03
C GLY B 66 20.85 -0.13 12.01
N ARG B 67 19.88 -0.81 11.39
CA ARG B 67 18.99 -0.20 10.40
C ARG B 67 17.56 -0.24 10.92
N ALA B 68 17.30 0.55 11.96
CA ALA B 68 15.99 0.54 12.63
C ALA B 68 14.97 1.44 11.93
N GLN B 69 13.74 0.94 11.86
CA GLN B 69 12.59 1.70 11.38
C GLN B 69 11.29 1.13 11.93
N MET B 70 10.27 1.97 12.03
CA MET B 70 8.99 1.55 12.57
C MET B 70 7.86 1.96 11.62
N PRO B 71 7.40 1.02 10.78
CA PRO B 71 6.29 1.28 9.88
C PRO B 71 5.07 1.81 10.63
N THR B 72 4.33 2.72 10.00
CA THR B 72 3.25 3.42 10.67
C THR B 72 1.97 3.36 9.84
N THR B 73 0.87 2.98 10.48
CA THR B 73 -0.44 3.02 9.84
C THR B 73 -1.02 4.42 10.03
N GLU B 74 -1.55 4.98 8.94
CA GLU B 74 -1.95 6.38 8.92
C GLU B 74 -3.38 6.60 8.40
N ARG B 75 -4.04 7.61 8.97
CA ARG B 75 -5.33 8.12 8.48
C ARG B 75 -6.33 7.02 8.12
N VAL B 76 -6.67 6.20 9.11
CA VAL B 76 -7.53 5.03 8.91
C VAL B 76 -9.01 5.37 9.06
N THR B 77 -9.77 5.17 7.98
CA THR B 77 -11.22 5.30 8.01
C THR B 77 -11.93 4.03 7.56
N LEU B 78 -11.26 2.89 7.71
CA LEU B 78 -11.90 1.59 7.52
C LEU B 78 -12.95 1.41 8.61
N THR B 79 -14.19 1.19 8.20
CA THR B 79 -15.30 1.01 9.14
C THR B 79 -15.56 -0.46 9.40
N ARG B 80 -15.00 -1.30 8.54
CA ARG B 80 -15.14 -2.74 8.61
C ARG B 80 -13.77 -3.39 8.51
N CYS B 81 -13.71 -4.69 8.80
CA CYS B 81 -12.48 -5.46 8.60
C CYS B 81 -12.31 -5.78 7.12
N PHE B 82 -11.13 -5.50 6.59
CA PHE B 82 -10.83 -5.85 5.20
C PHE B 82 -10.06 -7.16 5.12
N TYR B 83 -10.78 -8.24 4.85
CA TYR B 83 -10.17 -9.54 4.60
C TYR B 83 -10.01 -9.74 3.09
N LEU B 84 -8.84 -10.20 2.68
CA LEU B 84 -8.52 -10.40 1.27
C LEU B 84 -9.17 -11.67 0.70
N PHE B 85 -9.47 -12.62 1.57
CA PHE B 85 -10.02 -13.93 1.18
C PHE B 85 -9.30 -14.55 -0.03
N PRO B 86 -7.98 -14.72 0.04
CA PRO B 86 -7.21 -15.24 -1.10
C PRO B 86 -7.73 -16.60 -1.55
N GLY B 87 -7.91 -16.75 -2.86
CA GLY B 87 -8.50 -17.95 -3.44
C GLY B 87 -9.96 -17.75 -3.80
N HIS B 88 -10.55 -16.68 -3.28
CA HIS B 88 -11.96 -16.36 -3.53
C HIS B 88 -12.12 -14.96 -4.12
O32 5PH C . 17.93 5.82 0.49
C16 5PH C . 17.36 5.39 1.48
N13 5PH C . 16.06 5.56 1.72
C9 5PH C . 15.17 6.29 0.82
C25 5PH C . 13.92 5.40 0.72
C26 5PH C . 14.11 4.32 -0.31
O30 5PH C . 13.39 3.31 -0.24
O28 5PH C . 14.98 4.47 -1.19
C35 5PH C . 14.79 7.64 1.35
C36 5PH C . 15.58 8.28 2.45
O5 5PH C . 13.83 8.23 0.87
C19 5PH C . 18.08 4.61 2.56
C20 5PH C . 18.79 5.53 3.52
C22 5PH C . 19.33 6.75 3.11
C24 5PH C . 19.98 7.58 4.03
C34 5PH C . 20.08 7.19 5.37
C33 5PH C . 19.54 5.96 5.78
C31 5PH C . 18.90 5.15 4.86
C4 5PH C . 18.93 3.47 2.01
C1 5PH C . 20.29 3.85 1.42
C12 5PH C . 20.94 2.63 0.77
C8 5PH C . 22.02 2.04 1.66
N2 5PH C . 22.02 0.59 1.68
S7 5PH C . 23.40 -0.24 1.79
O3 5PH C . 23.13 -1.55 2.32
O6 5PH C . 23.98 -0.38 0.48
C11 5PH C . 24.42 0.53 2.76
C21 5PH C . 24.20 0.49 4.14
C23 5PH C . 25.09 1.15 5.00
C29 5PH C . 24.83 1.10 6.48
O17 5PH C . 24.67 -0.01 7.04
O14 5PH C . 24.78 2.17 7.14
C15 5PH C . 26.17 1.86 4.48
O10 5PH C . 27.02 2.49 5.29
C18 5PH C . 26.38 1.89 3.10
C27 5PH C . 25.51 1.22 2.24
#